data_5QBO
#
_entry.id   5QBO
#
_cell.length_a   45.361
_cell.length_b   72.842
_cell.length_c   52.560
_cell.angle_alpha   90.000
_cell.angle_beta   109.350
_cell.angle_gamma   90.000
#
_symmetry.space_group_name_H-M   'P 1 21 1'
#
loop_
_entity.id
_entity.type
_entity.pdbx_description
1 polymer Endothiapepsin
2 non-polymer GLYCEROL
3 non-polymer 'ACETATE ION'
4 non-polymer 'DIMETHYL SULFOXIDE'
5 non-polymer (1S,2S,3S,4R,5R)-2-[(furan-2-ylmethyl)amino]-4-(piperidin-1-yl)-6,8-dioxabicyclo[3.2.1]octan-3-ol
6 water water
#
_entity_poly.entity_id   1
_entity_poly.type   'polypeptide(L)'
_entity_poly.pdbx_seq_one_letter_code
;STGSATTTPIDSLDDAYITPVQIGTPAQTLNLDFDTGSSDLWVFSSETTASEVDGQTIYTPSKSTTAKLLSGATWSISYG
DGSSSSGDVYTDTVSVGGLTVTGQAVESAKKVSSSFTEDSTIDGLLGLAFSTLNTVSPTQQKTFFDNAKASLDSPVFTAD
LGYHAPGTYNFGFIDTTAYTGSITYTAVSTKQGFWEWTSTGYAVGSGTFKSTSIDGIADTGTTLLYLPATVVSAYWAQVS
GAKSSSSVGGYVFPCSATLPSFTFGVGSARIVIPGDYIDFGPISTGSSSCFGGIQSSAGIGINIFGDVALKAAFVVFNGA
TTPTLGFASK
;
_entity_poly.pdbx_strand_id   A
#
loop_
_chem_comp.id
_chem_comp.type
_chem_comp.name
_chem_comp.formula
ACT non-polymer 'ACETATE ION' 'C2 H3 O2 -1'
D9V non-polymer (1S,2S,3S,4R,5R)-2-[(furan-2-ylmethyl)amino]-4-(piperidin-1-yl)-6,8-dioxabicyclo[3.2.1]octan-3-ol 'C16 H24 N2 O4'
DMS non-polymer 'DIMETHYL SULFOXIDE' 'C2 H6 O S'
GOL non-polymer GLYCEROL 'C3 H8 O3'
#
# COMPACT_ATOMS: atom_id res chain seq x y z
N SER A 1 -22.35 2.10 9.08
N SER A 1 -22.40 2.23 9.17
CA SER A 1 -21.32 2.93 9.76
CA SER A 1 -21.23 2.84 9.84
C SER A 1 -20.26 3.36 8.77
C SER A 1 -20.23 3.32 8.80
N THR A 2 -19.34 4.22 9.22
CA THR A 2 -18.23 4.66 8.40
C THR A 2 -17.03 4.87 9.33
N GLY A 3 -15.84 4.97 8.71
CA GLY A 3 -14.64 5.43 9.39
C GLY A 3 -13.83 6.35 8.49
N SER A 4 -13.02 7.20 9.10
CA SER A 4 -12.16 8.11 8.35
C SER A 4 -10.90 8.38 9.16
N ALA A 5 -9.74 8.06 8.61
CA ALA A 5 -8.48 8.23 9.31
C ALA A 5 -7.46 8.90 8.40
N THR A 6 -6.66 9.77 8.97
CA THR A 6 -5.57 10.39 8.26
C THR A 6 -4.39 9.45 8.17
N THR A 7 -3.76 9.41 7.02
CA THR A 7 -2.57 8.63 6.78
C THR A 7 -1.41 9.58 6.48
N THR A 8 -0.24 9.30 7.04
CA THR A 8 0.86 10.27 7.10
C THR A 8 2.13 9.62 6.55
N PRO A 9 2.85 10.28 5.63
CA PRO A 9 4.10 9.70 5.16
C PRO A 9 5.10 9.50 6.30
N ILE A 10 5.87 8.42 6.25
CA ILE A 10 6.82 8.12 7.31
C ILE A 10 8.10 8.93 7.21
N ASP A 11 8.35 9.52 6.05
CA ASP A 11 9.58 10.27 5.81
C ASP A 11 9.36 11.25 4.67
N SER A 12 10.40 12.02 4.34
CA SER A 12 10.30 13.09 3.37
C SER A 12 10.15 12.61 1.91
N LEU A 13 10.28 11.30 1.70
CA LEU A 13 10.21 10.71 0.37
C LEU A 13 8.89 9.99 0.11
N ASP A 14 8.01 9.95 1.11
CA ASP A 14 6.78 9.17 1.00
C ASP A 14 7.13 7.69 0.80
N ASP A 15 8.09 7.18 1.54
CA ASP A 15 8.42 5.76 1.39
C ASP A 15 7.28 4.80 1.77
N ALA A 16 6.46 5.23 2.72
CA ALA A 16 5.28 4.49 3.14
C ALA A 16 4.45 5.47 3.92
N TYR A 17 3.24 5.03 4.27
CA TYR A 17 2.28 5.85 4.98
C TYR A 17 1.81 5.08 6.21
N ILE A 18 1.66 5.78 7.32
CA ILE A 18 1.16 5.17 8.54
C ILE A 18 -0.15 5.81 8.97
N THR A 19 -1.03 4.96 9.50
CA THR A 19 -2.37 5.35 9.90
C THR A 19 -2.58 4.84 11.32
N PRO A 20 -3.07 5.70 12.23
CA PRO A 20 -3.26 5.23 13.60
C PRO A 20 -4.44 4.27 13.70
N VAL A 21 -4.26 3.20 14.49
CA VAL A 21 -5.26 2.15 14.68
C VAL A 21 -5.36 1.86 16.17
N GLN A 22 -6.59 1.84 16.68
CA GLN A 22 -6.83 1.52 18.08
C GLN A 22 -7.09 0.03 18.24
N ILE A 23 -6.31 -0.61 19.12
CA ILE A 23 -6.44 -2.04 19.35
C ILE A 23 -6.66 -2.29 20.84
N GLY A 24 -7.69 -3.04 21.18
CA GLY A 24 -7.88 -3.46 22.56
C GLY A 24 -8.64 -2.51 23.44
N THR A 25 -8.76 -2.90 24.70
CA THR A 25 -9.51 -2.14 25.70
C THR A 25 -8.73 -2.13 27.01
N PRO A 26 -8.33 -0.95 27.50
CA PRO A 26 -8.40 0.36 26.83
C PRO A 26 -7.60 0.35 25.53
N ALA A 27 -7.87 1.31 24.67
CA ALA A 27 -7.22 1.36 23.38
C ALA A 27 -5.71 1.46 23.51
N GLN A 28 -5.04 0.70 22.67
CA GLN A 28 -3.61 0.83 22.42
C GLN A 28 -3.49 1.30 20.98
N THR A 29 -2.94 2.49 20.76
CA THR A 29 -2.87 3.06 19.41
C THR A 29 -1.52 2.74 18.81
N LEU A 30 -1.55 2.03 17.68
CA LEU A 30 -0.37 1.70 16.91
C LEU A 30 -0.50 2.32 15.53
N ASN A 31 0.64 2.67 14.93
CA ASN A 31 0.67 3.26 13.61
C ASN A 31 0.99 2.19 12.58
N LEU A 32 -0.03 1.81 11.81
CA LEU A 32 0.09 0.68 10.89
C LEU A 32 0.17 1.14 9.45
N ASP A 33 0.83 0.31 8.66
CA ASP A 33 0.98 0.51 7.23
C ASP A 33 -0.17 -0.21 6.54
N PHE A 34 -1.14 0.54 6.04
CA PHE A 34 -2.31 -0.03 5.36
C PHE A 34 -1.88 -0.53 3.98
N ASP A 35 -2.09 -1.80 3.74
CA ASP A 35 -1.47 -2.49 2.60
C ASP A 35 -2.50 -3.22 1.76
N THR A 36 -2.91 -2.63 0.65
CA THR A 36 -3.88 -3.27 -0.23
C THR A 36 -3.28 -4.43 -1.05
N GLY A 37 -2.00 -4.71 -0.84
CA GLY A 37 -1.34 -5.85 -1.43
C GLY A 37 -1.16 -7.05 -0.53
N SER A 38 -1.70 -7.03 0.68
CA SER A 38 -1.63 -8.19 1.58
C SER A 38 -2.84 -8.21 2.49
N SER A 39 -2.96 -9.28 3.28
CA SER A 39 -4.24 -9.56 3.95
C SER A 39 -4.10 -9.99 5.40
N ASP A 40 -2.98 -9.61 6.03
CA ASP A 40 -2.75 -9.88 7.44
C ASP A 40 -2.68 -8.56 8.18
N LEU A 41 -3.29 -8.52 9.36
CA LEU A 41 -3.16 -7.41 10.28
C LEU A 41 -2.21 -7.92 11.36
N TRP A 42 -0.96 -7.48 11.31
CA TRP A 42 0.03 -7.95 12.28
C TRP A 42 0.71 -6.76 12.93
N VAL A 43 1.15 -6.95 14.17
CA VAL A 43 1.71 -5.90 14.97
C VAL A 43 2.94 -6.33 15.76
N PHE A 44 3.85 -5.38 15.96
CA PHE A 44 4.86 -5.48 16.99
C PHE A 44 4.13 -5.65 18.31
N SER A 45 4.69 -6.48 19.20
CA SER A 45 3.95 -6.81 20.40
C SER A 45 4.89 -7.07 21.57
N SER A 46 4.29 -7.27 22.74
CA SER A 46 5.02 -7.70 23.91
C SER A 46 5.64 -9.08 23.73
N GLU A 47 5.25 -9.80 22.68
CA GLU A 47 5.81 -11.12 22.38
C GLU A 47 6.97 -11.08 21.40
N THR A 48 7.22 -9.91 20.81
CA THR A 48 8.28 -9.80 19.80
C THR A 48 9.63 -9.89 20.50
N THR A 49 10.49 -10.74 19.96
CA THR A 49 11.87 -10.87 20.42
C THR A 49 12.45 -9.48 20.71
N ALA A 50 12.91 -9.28 21.94
CA ALA A 50 13.26 -7.94 22.40
C ALA A 50 14.32 -7.27 21.53
N SER A 51 15.30 -8.04 21.08
CA SER A 51 16.37 -7.50 20.25
C SER A 51 15.88 -7.05 18.86
N GLU A 52 14.66 -7.43 18.50
CA GLU A 52 14.09 -7.09 17.19
C GLU A 52 13.12 -5.91 17.26
N VAL A 53 12.99 -5.33 18.45
CA VAL A 53 12.20 -4.12 18.66
C VAL A 53 13.15 -2.95 18.87
N ASP A 54 12.99 -1.90 18.08
CA ASP A 54 13.84 -0.72 18.18
CA ASP A 54 13.84 -0.72 18.18
C ASP A 54 13.02 0.54 17.91
N GLY A 55 12.25 0.96 18.90
CA GLY A 55 11.49 2.19 18.82
C GLY A 55 10.03 2.08 18.45
N GLN A 56 9.58 0.90 18.01
CA GLN A 56 8.18 0.72 17.64
C GLN A 56 7.32 0.72 18.88
N THR A 57 6.07 1.12 18.71
CA THR A 57 5.06 0.93 19.72
C THR A 57 4.53 -0.48 19.63
N ILE A 58 4.37 -1.14 20.78
CA ILE A 58 3.95 -2.53 20.82
C ILE A 58 2.53 -2.68 21.36
N TYR A 59 1.84 -3.70 20.85
CA TYR A 59 0.58 -4.18 21.39
C TYR A 59 0.87 -5.20 22.50
N THR A 60 0.25 -5.00 23.65
CA THR A 60 0.40 -5.91 24.79
C THR A 60 -0.97 -6.53 25.07
N PRO A 61 -1.20 -7.75 24.56
CA PRO A 61 -2.55 -8.30 24.73
C PRO A 61 -2.96 -8.52 26.18
N SER A 62 -1.99 -8.78 27.07
CA SER A 62 -2.32 -9.01 28.47
C SER A 62 -2.91 -7.78 29.14
N LYS A 63 -2.73 -6.61 28.53
CA LYS A 63 -3.27 -5.36 29.07
C LYS A 63 -4.63 -4.99 28.46
N SER A 64 -5.12 -5.83 27.55
CA SER A 64 -6.42 -5.60 26.92
C SER A 64 -7.46 -6.56 27.46
N THR A 65 -8.53 -6.02 28.02
CA THR A 65 -9.57 -6.85 28.63
C THR A 65 -10.42 -7.57 27.60
N THR A 66 -10.29 -7.18 26.34
CA THR A 66 -11.06 -7.79 25.26
C THR A 66 -10.21 -8.75 24.40
N ALA A 67 -8.91 -8.85 24.68
CA ALA A 67 -8.04 -9.76 23.93
C ALA A 67 -8.31 -11.20 24.33
N LYS A 68 -8.33 -12.08 23.33
CA LYS A 68 -8.45 -13.51 23.56
C LYS A 68 -7.48 -14.22 22.65
N LEU A 69 -6.68 -15.12 23.20
CA LEU A 69 -5.79 -15.93 22.36
C LEU A 69 -6.65 -16.74 21.40
N LEU A 70 -6.27 -16.74 20.14
CA LEU A 70 -6.92 -17.60 19.16
C LEU A 70 -6.12 -18.91 19.20
N SER A 71 -6.63 -19.87 19.95
CA SER A 71 -5.85 -21.02 20.34
C SER A 71 -5.37 -21.83 19.15
N GLY A 72 -4.07 -22.09 19.11
CA GLY A 72 -3.46 -22.91 18.08
C GLY A 72 -3.13 -22.19 16.79
N ALA A 73 -3.52 -20.92 16.68
CA ALA A 73 -3.34 -20.20 15.44
C ALA A 73 -1.96 -19.58 15.35
N THR A 74 -1.32 -19.74 14.19
CA THR A 74 -0.04 -19.11 13.93
C THR A 74 -0.09 -18.45 12.56
N TRP A 75 0.90 -17.59 12.32
CA TRP A 75 0.97 -16.92 11.03
C TRP A 75 2.44 -16.71 10.70
N SER A 76 2.71 -16.57 9.41
CA SER A 76 4.06 -16.35 8.93
C SER A 76 3.95 -15.79 7.52
N ILE A 77 4.60 -14.66 7.29
CA ILE A 77 4.45 -13.98 6.01
C ILE A 77 5.82 -13.52 5.52
N SER A 78 5.98 -13.55 4.20
N SER A 78 5.98 -13.48 4.21
CA SER A 78 7.14 -12.99 3.55
CA SER A 78 7.19 -12.93 3.61
C SER A 78 6.62 -12.02 2.50
C SER A 78 6.83 -12.15 2.36
N TYR A 79 7.34 -10.92 2.29
CA TYR A 79 6.96 -9.96 1.28
C TYR A 79 8.04 -9.88 0.20
N GLY A 80 7.83 -9.03 -0.78
CA GLY A 80 8.70 -8.94 -1.94
C GLY A 80 10.17 -8.60 -1.69
N ASP A 81 10.44 -7.77 -0.67
CA ASP A 81 11.82 -7.32 -0.42
C ASP A 81 12.61 -8.34 0.38
N GLY A 82 12.03 -9.50 0.63
CA GLY A 82 12.68 -10.52 1.42
C GLY A 82 12.48 -10.30 2.90
N SER A 83 11.66 -9.30 3.26
CA SER A 83 11.30 -9.10 4.67
C SER A 83 10.25 -10.12 5.08
N SER A 84 10.12 -10.32 6.39
CA SER A 84 9.22 -11.32 6.91
C SER A 84 8.90 -11.09 8.37
N SER A 85 7.87 -11.76 8.84
CA SER A 85 7.49 -11.74 10.24
C SER A 85 6.59 -12.94 10.50
N SER A 86 6.44 -13.30 11.77
CA SER A 86 5.62 -14.45 12.13
C SER A 86 5.26 -14.39 13.61
N GLY A 87 4.26 -15.16 14.01
CA GLY A 87 3.88 -15.20 15.41
C GLY A 87 2.60 -15.96 15.65
N ASP A 88 1.89 -15.53 16.68
CA ASP A 88 0.61 -16.13 17.05
C ASP A 88 -0.50 -15.10 16.93
N VAL A 89 -1.70 -15.41 17.39
CA VAL A 89 -2.88 -14.62 17.03
C VAL A 89 -3.80 -14.43 18.21
N TYR A 90 -4.29 -13.21 18.35
CA TYR A 90 -5.33 -12.86 19.31
C TYR A 90 -6.51 -12.35 18.53
N THR A 91 -7.71 -12.43 19.10
CA THR A 91 -8.81 -11.62 18.61
C THR A 91 -8.98 -10.46 19.58
N ASP A 92 -9.35 -9.30 19.05
CA ASP A 92 -9.54 -8.12 19.88
C ASP A 92 -10.35 -7.10 19.10
N THR A 93 -10.73 -6.04 19.79
CA THR A 93 -11.45 -4.94 19.17
C THR A 93 -10.48 -4.01 18.48
N VAL A 94 -10.77 -3.70 17.23
CA VAL A 94 -9.90 -2.85 16.40
C VAL A 94 -10.74 -1.73 15.81
N SER A 95 -10.29 -0.49 15.99
CA SER A 95 -10.99 0.66 15.44
C SER A 95 -10.07 1.48 14.56
N VAL A 96 -10.61 1.93 13.44
CA VAL A 96 -9.91 2.80 12.50
C VAL A 96 -10.81 4.01 12.22
N GLY A 97 -10.35 5.17 12.62
CA GLY A 97 -11.06 6.39 12.29
C GLY A 97 -12.49 6.38 12.73
N GLY A 98 -12.79 5.76 13.88
CA GLY A 98 -14.14 5.69 14.39
C GLY A 98 -14.97 4.48 13.99
N LEU A 99 -14.45 3.65 13.10
CA LEU A 99 -15.10 2.40 12.69
C LEU A 99 -14.53 1.26 13.51
N THR A 100 -15.40 0.52 14.20
CA THR A 100 -14.99 -0.53 15.13
C THR A 100 -15.40 -1.91 14.66
N VAL A 101 -14.43 -2.82 14.68
CA VAL A 101 -14.67 -4.24 14.45
C VAL A 101 -14.34 -5.00 15.73
N THR A 102 -15.28 -5.78 16.23
CA THR A 102 -15.00 -6.69 17.33
C THR A 102 -14.57 -8.06 16.79
N GLY A 103 -13.73 -8.75 17.54
CA GLY A 103 -13.28 -10.07 17.14
C GLY A 103 -12.34 -10.08 15.95
N GLN A 104 -11.67 -8.97 15.67
CA GLN A 104 -10.68 -8.93 14.61
C GLN A 104 -9.45 -9.76 14.99
N ALA A 105 -8.95 -10.56 14.05
CA ALA A 105 -7.69 -11.25 14.25
C ALA A 105 -6.54 -10.25 14.22
N VAL A 106 -5.82 -10.18 15.33
CA VAL A 106 -4.63 -9.35 15.49
C VAL A 106 -3.46 -10.29 15.63
N GLU A 107 -2.61 -10.29 14.61
CA GLU A 107 -1.50 -11.22 14.52
C GLU A 107 -0.31 -10.63 15.23
N SER A 108 0.06 -11.23 16.34
CA SER A 108 1.11 -10.73 17.21
C SER A 108 2.45 -11.30 16.78
N ALA A 109 3.41 -10.44 16.46
CA ALA A 109 4.71 -10.90 16.00
C ALA A 109 5.57 -11.42 17.13
N LYS A 110 6.06 -12.64 16.96
CA LYS A 110 7.13 -13.14 17.80
C LYS A 110 8.49 -12.84 17.17
N LYS A 111 8.53 -12.77 15.84
CA LYS A 111 9.76 -12.53 15.10
C LYS A 111 9.46 -11.56 13.96
N VAL A 112 10.38 -10.63 13.72
CA VAL A 112 10.32 -9.76 12.56
C VAL A 112 11.72 -9.69 11.94
N SER A 113 11.81 -9.49 10.63
CA SER A 113 13.11 -9.42 9.97
C SER A 113 13.72 -8.03 10.16
N SER A 114 14.98 -7.91 9.79
CA SER A 114 15.76 -6.71 10.11
C SER A 114 15.16 -5.42 9.54
N SER A 115 14.60 -5.50 8.34
N SER A 115 14.59 -5.49 8.35
CA SER A 115 14.01 -4.33 7.72
CA SER A 115 14.03 -4.29 7.73
C SER A 115 12.93 -3.72 8.60
C SER A 115 12.86 -3.73 8.53
N PHE A 116 12.14 -4.58 9.25
CA PHE A 116 11.08 -4.10 10.13
C PHE A 116 11.66 -3.48 11.39
N THR A 117 12.61 -4.17 12.02
CA THR A 117 13.27 -3.64 13.20
C THR A 117 13.86 -2.26 12.96
N GLU A 118 14.47 -2.10 11.79
CA GLU A 118 15.21 -0.91 11.44
C GLU A 118 14.32 0.27 11.13
N ASP A 119 13.03 0.01 10.95
N ASP A 119 13.02 0.04 10.98
CA ASP A 119 12.04 1.05 10.71
CA ASP A 119 12.09 1.11 10.71
C ASP A 119 11.26 1.30 12.00
C ASP A 119 11.21 1.37 11.93
N SER A 120 11.60 2.35 12.71
CA SER A 120 10.93 2.64 13.97
C SER A 120 9.55 3.23 13.80
N THR A 121 9.22 3.67 12.58
CA THR A 121 7.97 4.39 12.35
C THR A 121 6.76 3.51 12.06
N ILE A 122 6.99 2.24 11.76
CA ILE A 122 5.90 1.33 11.37
C ILE A 122 5.75 0.25 12.44
N ASP A 123 4.58 0.26 13.09
CA ASP A 123 4.30 -0.65 14.20
C ASP A 123 3.65 -1.95 13.74
N GLY A 124 3.41 -2.10 12.45
CA GLY A 124 2.80 -3.29 11.88
C GLY A 124 2.08 -2.95 10.61
N LEU A 125 1.38 -3.93 10.06
N LEU A 125 1.37 -3.94 10.09
CA LEU A 125 0.67 -3.77 8.80
CA LEU A 125 0.66 -3.88 8.80
C LEU A 125 -0.79 -4.11 8.98
C LEU A 125 -0.83 -4.08 9.02
N LEU A 126 -1.64 -3.43 8.21
CA LEU A 126 -3.07 -3.74 8.15
C LEU A 126 -3.42 -4.05 6.70
N GLY A 127 -3.60 -5.35 6.44
CA GLY A 127 -3.86 -5.82 5.09
C GLY A 127 -5.25 -5.53 4.60
N LEU A 128 -5.35 -5.12 3.34
CA LEU A 128 -6.62 -4.75 2.71
C LEU A 128 -6.82 -5.39 1.34
N ALA A 129 -6.00 -6.40 1.04
CA ALA A 129 -6.27 -7.27 -0.11
C ALA A 129 -7.35 -8.29 0.30
N PHE A 130 -7.59 -9.30 -0.53
CA PHE A 130 -8.69 -10.23 -0.28
C PHE A 130 -8.27 -11.26 0.77
N SER A 131 -9.24 -11.66 1.58
CA SER A 131 -8.93 -12.51 2.73
C SER A 131 -8.36 -13.89 2.34
N THR A 132 -8.53 -14.28 1.08
CA THR A 132 -7.93 -15.51 0.61
C THR A 132 -6.40 -15.54 0.72
N LEU A 133 -5.76 -14.37 0.85
CA LEU A 133 -4.31 -14.32 1.05
C LEU A 133 -3.88 -14.35 2.52
N ASN A 134 -4.82 -14.33 3.45
CA ASN A 134 -4.45 -14.29 4.85
C ASN A 134 -3.68 -15.54 5.25
N THR A 135 -2.59 -15.37 6.00
CA THR A 135 -1.70 -16.49 6.28
C THR A 135 -1.98 -17.28 7.56
N VAL A 136 -3.00 -16.92 8.31
CA VAL A 136 -3.23 -17.59 9.58
C VAL A 136 -3.60 -19.05 9.35
N SER A 137 -2.97 -19.92 10.13
CA SER A 137 -3.16 -21.36 10.06
C SER A 137 -3.47 -21.87 11.47
N PRO A 138 -4.37 -22.85 11.60
CA PRO A 138 -5.02 -23.64 10.54
C PRO A 138 -6.35 -23.05 10.07
N THR A 139 -6.78 -21.94 10.65
CA THR A 139 -8.05 -21.31 10.30
C THR A 139 -7.77 -19.92 9.76
N GLN A 140 -7.91 -19.76 8.45
N GLN A 140 -7.91 -19.76 8.45
CA GLN A 140 -7.64 -18.48 7.80
CA GLN A 140 -7.68 -18.47 7.81
C GLN A 140 -8.57 -17.41 8.37
C GLN A 140 -8.58 -17.41 8.42
N GLN A 141 -8.05 -16.20 8.54
CA GLN A 141 -8.79 -15.10 9.14
C GLN A 141 -9.13 -14.01 8.12
N LYS A 142 -10.15 -13.24 8.45
CA LYS A 142 -10.62 -12.14 7.61
C LYS A 142 -9.92 -10.82 7.86
N THR A 143 -9.78 -10.02 6.81
CA THR A 143 -9.24 -8.68 6.96
C THR A 143 -10.21 -7.78 7.73
N PHE A 144 -9.67 -6.68 8.19
CA PHE A 144 -10.45 -5.65 8.84
C PHE A 144 -11.62 -5.20 7.94
N PHE A 145 -11.33 -4.97 6.67
CA PHE A 145 -12.37 -4.54 5.75
C PHE A 145 -13.44 -5.61 5.55
N ASP A 146 -13.02 -6.86 5.38
CA ASP A 146 -13.93 -7.98 5.23
CA ASP A 146 -13.99 -7.93 5.23
C ASP A 146 -14.87 -8.06 6.44
N ASN A 147 -14.30 -7.94 7.64
CA ASN A 147 -15.11 -7.98 8.86
C ASN A 147 -16.06 -6.79 8.98
N ALA A 148 -15.62 -5.62 8.54
CA ALA A 148 -16.43 -4.40 8.68
C ALA A 148 -17.53 -4.29 7.64
N LYS A 149 -17.35 -4.96 6.51
CA LYS A 149 -18.12 -4.68 5.29
C LYS A 149 -19.63 -4.58 5.45
N ALA A 150 -20.20 -5.59 6.10
CA ALA A 150 -21.64 -5.70 6.22
C ALA A 150 -22.22 -4.54 7.00
N SER A 151 -21.41 -3.95 7.88
CA SER A 151 -21.86 -2.86 8.74
CA SER A 151 -21.85 -2.87 8.75
C SER A 151 -21.71 -1.51 8.08
N LEU A 152 -20.87 -1.45 7.05
CA LEU A 152 -20.60 -0.19 6.38
C LEU A 152 -21.81 0.33 5.60
N ASP A 153 -21.92 1.65 5.51
CA ASP A 153 -23.00 2.25 4.73
C ASP A 153 -22.95 1.78 3.29
N SER A 154 -21.73 1.64 2.75
CA SER A 154 -21.48 1.12 1.41
C SER A 154 -20.23 0.25 1.53
N PRO A 155 -20.17 -0.88 0.79
CA PRO A 155 -19.06 -1.82 0.99
C PRO A 155 -17.78 -1.42 0.24
N VAL A 156 -17.22 -0.29 0.66
CA VAL A 156 -16.09 0.32 -0.04
C VAL A 156 -15.11 0.91 0.95
N PHE A 157 -13.87 1.06 0.50
CA PHE A 157 -12.93 1.96 1.16
C PHE A 157 -12.20 2.75 0.10
N THR A 158 -11.66 3.90 0.48
CA THR A 158 -10.96 4.74 -0.45
C THR A 158 -9.59 5.12 0.08
N ALA A 159 -8.64 5.24 -0.84
CA ALA A 159 -7.29 5.68 -0.54
C ALA A 159 -7.05 7.01 -1.25
N ASP A 160 -6.67 8.00 -0.47
CA ASP A 160 -6.36 9.33 -0.96
C ASP A 160 -5.00 9.71 -0.36
N LEU A 161 -3.93 9.20 -0.98
CA LEU A 161 -2.58 9.40 -0.46
C LEU A 161 -2.06 10.75 -0.92
N GLY A 162 -1.33 11.41 -0.03
CA GLY A 162 -0.75 12.71 -0.33
C GLY A 162 0.65 12.61 -0.90
N TYR A 163 1.01 13.60 -1.71
CA TYR A 163 2.39 13.79 -2.15
C TYR A 163 3.08 14.70 -1.15
N HIS A 164 4.05 14.15 -0.42
CA HIS A 164 4.78 14.90 0.60
C HIS A 164 3.82 15.57 1.58
N ALA A 165 2.73 14.87 1.90
CA ALA A 165 1.69 15.45 2.74
C ALA A 165 0.78 14.32 3.21
N PRO A 166 0.06 14.55 4.32
CA PRO A 166 -0.92 13.54 4.76
C PRO A 166 -2.07 13.38 3.78
N GLY A 167 -2.75 12.26 3.90
CA GLY A 167 -3.94 11.96 3.12
C GLY A 167 -4.93 11.23 3.98
N THR A 168 -5.84 10.48 3.36
CA THR A 168 -6.99 9.92 4.06
C THR A 168 -7.34 8.51 3.57
N TYR A 169 -7.66 7.63 4.51
CA TYR A 169 -8.37 6.39 4.24
C TYR A 169 -9.78 6.51 4.80
N ASN A 170 -10.78 6.34 3.94
CA ASN A 170 -12.17 6.33 4.37
C ASN A 170 -12.76 4.94 4.16
N PHE A 171 -13.64 4.56 5.08
CA PHE A 171 -14.36 3.29 5.01
C PHE A 171 -15.85 3.55 4.98
N GLY A 172 -16.52 3.00 3.99
CA GLY A 172 -17.98 2.99 3.99
C GLY A 172 -18.66 4.12 3.24
N PHE A 173 -17.88 5.06 2.68
CA PHE A 173 -18.44 6.17 1.93
C PHE A 173 -17.42 6.74 1.00
N ILE A 174 -17.92 7.42 -0.03
CA ILE A 174 -17.11 8.12 -1.00
C ILE A 174 -17.26 9.63 -0.74
N ASP A 175 -16.15 10.30 -0.42
CA ASP A 175 -16.16 11.74 -0.15
C ASP A 175 -16.11 12.45 -1.48
N THR A 176 -17.25 12.97 -1.91
CA THR A 176 -17.35 13.56 -3.23
C THR A 176 -16.64 14.91 -3.31
N THR A 177 -16.17 15.42 -2.18
CA THR A 177 -15.37 16.65 -2.19
C THR A 177 -13.87 16.38 -2.37
N ALA A 178 -13.48 15.12 -2.41
CA ALA A 178 -12.05 14.76 -2.34
C ALA A 178 -11.42 14.55 -3.72
N TYR A 179 -12.19 14.71 -4.79
CA TYR A 179 -11.66 14.49 -6.13
C TYR A 179 -12.31 15.47 -7.09
N THR A 180 -11.71 15.59 -8.26
CA THR A 180 -12.24 16.43 -9.34
C THR A 180 -12.82 15.53 -10.41
N GLY A 181 -13.72 16.08 -11.22
CA GLY A 181 -14.33 15.32 -12.30
C GLY A 181 -15.08 14.11 -11.79
N SER A 182 -15.04 13.04 -12.57
N SER A 182 -15.04 13.04 -12.57
CA SER A 182 -15.78 11.81 -12.24
CA SER A 182 -15.76 11.80 -12.25
C SER A 182 -14.84 10.68 -11.91
C SER A 182 -14.80 10.70 -11.83
N ILE A 183 -15.36 9.66 -11.22
CA ILE A 183 -14.60 8.46 -10.90
C ILE A 183 -14.83 7.45 -12.04
N THR A 184 -13.76 6.94 -12.62
CA THR A 184 -13.87 5.90 -13.63
C THR A 184 -13.63 4.55 -12.99
N TYR A 185 -14.62 3.67 -13.09
CA TYR A 185 -14.50 2.34 -12.53
C TYR A 185 -14.02 1.35 -13.58
N THR A 186 -13.28 0.35 -13.11
CA THR A 186 -12.67 -0.63 -13.99
C THR A 186 -12.71 -2.00 -13.29
N ALA A 187 -12.73 -3.05 -14.09
CA ALA A 187 -12.90 -4.41 -13.58
C ALA A 187 -11.70 -4.89 -12.77
N VAL A 188 -12.00 -5.75 -11.80
CA VAL A 188 -11.00 -6.35 -10.94
C VAL A 188 -11.07 -7.87 -11.05
N SER A 189 -9.91 -8.51 -11.11
CA SER A 189 -9.80 -9.94 -10.91
C SER A 189 -9.31 -10.21 -9.52
N THR A 190 -10.01 -11.07 -8.79
CA THR A 190 -9.56 -11.47 -7.47
C THR A 190 -8.83 -12.83 -7.48
N LYS A 191 -8.50 -13.33 -8.66
CA LYS A 191 -7.97 -14.69 -8.77
C LYS A 191 -6.63 -14.90 -8.08
N GLN A 192 -5.84 -13.84 -7.95
CA GLN A 192 -4.57 -13.92 -7.23
C GLN A 192 -4.67 -13.29 -5.82
N GLY A 193 -5.88 -12.90 -5.41
CA GLY A 193 -6.10 -12.31 -4.10
C GLY A 193 -5.85 -10.81 -4.01
N PHE A 194 -5.51 -10.20 -5.14
CA PHE A 194 -5.16 -8.78 -5.17
C PHE A 194 -6.27 -7.95 -5.82
N TRP A 195 -6.16 -6.63 -5.65
CA TRP A 195 -6.97 -5.69 -6.42
C TRP A 195 -6.30 -5.53 -7.78
N GLU A 196 -6.51 -6.52 -8.63
CA GLU A 196 -5.83 -6.64 -9.90
C GLU A 196 -6.73 -6.13 -11.01
N TRP A 197 -6.19 -5.28 -11.87
CA TRP A 197 -6.96 -4.59 -12.88
C TRP A 197 -6.08 -4.41 -14.11
N THR A 198 -6.63 -3.86 -15.18
CA THR A 198 -5.90 -3.68 -16.43
C THR A 198 -5.96 -2.22 -16.87
N SER A 199 -4.81 -1.56 -16.79
CA SER A 199 -4.68 -0.21 -17.33
C SER A 199 -4.75 -0.27 -18.85
N THR A 200 -5.27 0.79 -19.45
CA THR A 200 -5.46 0.86 -20.89
C THR A 200 -4.28 1.49 -21.64
N GLY A 201 -3.25 1.95 -20.92
CA GLY A 201 -2.04 2.39 -21.60
C GLY A 201 -1.33 3.49 -20.86
N TYR A 202 -0.44 4.20 -21.55
CA TYR A 202 0.38 5.18 -20.88
C TYR A 202 0.87 6.26 -21.84
N ALA A 203 1.32 7.36 -21.25
CA ALA A 203 2.06 8.39 -21.99
C ALA A 203 3.21 8.86 -21.13
N VAL A 204 4.26 9.34 -21.80
CA VAL A 204 5.42 9.93 -21.13
C VAL A 204 5.44 11.41 -21.41
N GLY A 205 5.41 12.23 -20.36
CA GLY A 205 5.41 13.67 -20.53
C GLY A 205 4.26 14.11 -21.42
N SER A 206 4.56 14.97 -22.38
CA SER A 206 3.57 15.50 -23.30
CA SER A 206 3.56 15.49 -23.31
C SER A 206 3.40 14.61 -24.53
N GLY A 207 3.97 13.41 -24.49
CA GLY A 207 3.92 12.50 -25.61
C GLY A 207 2.56 11.90 -25.86
N THR A 208 2.42 11.25 -27.00
CA THR A 208 1.15 10.66 -27.37
C THR A 208 0.88 9.44 -26.50
N PHE A 209 -0.40 9.19 -26.27
CA PHE A 209 -0.82 8.06 -25.46
C PHE A 209 -0.69 6.77 -26.25
N LYS A 210 -0.05 5.77 -25.64
CA LYS A 210 0.07 4.44 -26.20
C LYS A 210 -1.00 3.54 -25.60
N SER A 211 -1.91 3.07 -26.45
CA SER A 211 -2.95 2.15 -26.03
C SER A 211 -2.38 0.75 -25.93
N THR A 212 -2.35 0.21 -24.73
CA THR A 212 -1.82 -1.12 -24.50
C THR A 212 -2.31 -1.59 -23.14
N SER A 213 -2.69 -2.86 -23.04
CA SER A 213 -3.22 -3.41 -21.80
C SER A 213 -2.09 -3.74 -20.85
N ILE A 214 -2.16 -3.19 -19.64
CA ILE A 214 -1.15 -3.45 -18.61
C ILE A 214 -1.86 -3.96 -17.36
N ASP A 215 -1.77 -5.26 -17.13
CA ASP A 215 -2.36 -5.89 -15.97
CA ASP A 215 -2.36 -5.89 -15.95
C ASP A 215 -1.50 -5.63 -14.73
N GLY A 216 -2.09 -5.17 -13.64
CA GLY A 216 -1.29 -4.97 -12.44
C GLY A 216 -2.17 -4.83 -11.23
N ILE A 217 -1.55 -4.58 -10.08
CA ILE A 217 -2.29 -4.50 -8.83
C ILE A 217 -2.22 -3.12 -8.22
N ALA A 218 -3.32 -2.69 -7.62
CA ALA A 218 -3.32 -1.46 -6.84
C ALA A 218 -2.83 -1.77 -5.44
N ASP A 219 -1.62 -1.31 -5.10
CA ASP A 219 -0.91 -1.76 -3.91
C ASP A 219 -0.39 -0.58 -3.09
N THR A 220 -1.16 -0.17 -2.08
CA THR A 220 -0.74 0.92 -1.22
C THR A 220 0.51 0.59 -0.38
N GLY A 221 0.83 -0.69 -0.23
CA GLY A 221 1.98 -1.10 0.54
C GLY A 221 3.28 -1.19 -0.22
N THR A 222 3.29 -0.80 -1.48
CA THR A 222 4.50 -0.73 -2.29
C THR A 222 4.74 0.73 -2.62
N THR A 223 5.98 1.19 -2.47
CA THR A 223 6.29 2.60 -2.65
C THR A 223 6.20 3.07 -4.10
N LEU A 224 6.78 2.27 -5.00
CA LEU A 224 7.03 2.69 -6.38
C LEU A 224 6.04 2.09 -7.39
N LEU A 225 6.19 2.54 -8.63
CA LEU A 225 5.41 2.08 -9.76
C LEU A 225 6.27 1.12 -10.56
N TYR A 226 5.86 -0.14 -10.62
CA TYR A 226 6.59 -1.19 -11.31
C TYR A 226 5.83 -1.63 -12.55
N LEU A 227 6.44 -1.43 -13.71
CA LEU A 227 5.79 -1.65 -14.99
C LEU A 227 6.70 -2.45 -15.93
N PRO A 228 6.15 -2.92 -17.07
CA PRO A 228 7.00 -3.71 -17.97
C PRO A 228 8.23 -2.92 -18.44
N ALA A 229 9.30 -3.66 -18.70
CA ALA A 229 10.59 -3.05 -19.04
C ALA A 229 10.50 -2.14 -20.25
N THR A 230 9.65 -2.48 -21.22
CA THR A 230 9.45 -1.64 -22.39
C THR A 230 8.94 -0.25 -22.01
N VAL A 231 7.93 -0.21 -21.15
CA VAL A 231 7.31 1.04 -20.70
C VAL A 231 8.32 1.87 -19.90
N VAL A 232 9.04 1.21 -18.99
CA VAL A 232 9.98 1.88 -18.12
C VAL A 232 11.14 2.47 -18.93
N SER A 233 11.63 1.73 -19.92
CA SER A 233 12.69 2.22 -20.79
C SER A 233 12.22 3.45 -21.57
N ALA A 234 10.99 3.42 -22.06
CA ALA A 234 10.45 4.56 -22.79
C ALA A 234 10.37 5.81 -21.90
N TYR A 235 10.03 5.63 -20.63
CA TYR A 235 10.01 6.74 -19.69
C TYR A 235 11.43 7.32 -19.48
N TRP A 236 12.37 6.47 -19.07
CA TRP A 236 13.69 6.96 -18.68
C TRP A 236 14.53 7.45 -19.85
N ALA A 237 14.20 7.03 -21.06
CA ALA A 237 14.84 7.54 -22.25
C ALA A 237 14.62 9.02 -22.43
N GLN A 238 13.59 9.58 -21.78
CA GLN A 238 13.31 11.00 -21.87
C GLN A 238 14.04 11.83 -20.81
N VAL A 239 14.90 11.18 -20.02
CA VAL A 239 15.65 11.86 -18.98
C VAL A 239 17.14 11.72 -19.28
N SER A 240 17.79 12.82 -19.62
CA SER A 240 19.19 12.76 -20.00
CA SER A 240 19.21 12.80 -19.98
C SER A 240 20.05 12.23 -18.86
N GLY A 241 20.85 11.21 -19.18
CA GLY A 241 21.75 10.61 -18.22
C GLY A 241 21.13 9.51 -17.38
N ALA A 242 19.84 9.22 -17.53
CA ALA A 242 19.25 8.15 -16.74
C ALA A 242 19.73 6.81 -17.28
N LYS A 243 19.88 5.85 -16.37
CA LYS A 243 20.36 4.53 -16.74
C LYS A 243 19.93 3.53 -15.68
N SER A 244 19.85 2.27 -16.08
CA SER A 244 19.58 1.20 -15.13
C SER A 244 20.88 0.67 -14.62
N SER A 245 20.96 0.63 -13.31
CA SER A 245 22.14 0.26 -12.56
C SER A 245 21.87 -1.04 -11.80
N SER A 246 22.52 -2.13 -12.16
CA SER A 246 22.32 -3.36 -11.41
C SER A 246 22.90 -3.20 -9.99
N SER A 247 23.95 -2.41 -9.86
CA SER A 247 24.59 -2.22 -8.55
C SER A 247 23.70 -1.41 -7.61
N VAL A 248 22.90 -0.49 -8.14
CA VAL A 248 22.01 0.28 -7.30
C VAL A 248 20.67 -0.45 -7.12
N GLY A 249 20.25 -1.19 -8.14
CA GLY A 249 19.00 -1.94 -8.09
C GLY A 249 17.88 -1.34 -8.90
N GLY A 250 18.21 -0.58 -9.93
CA GLY A 250 17.20 -0.07 -10.83
C GLY A 250 17.67 1.18 -11.54
N TYR A 251 16.70 1.90 -12.11
CA TYR A 251 16.97 3.14 -12.79
C TYR A 251 17.33 4.24 -11.82
N VAL A 252 18.40 4.94 -12.16
CA VAL A 252 18.85 6.14 -11.48
C VAL A 252 18.97 7.25 -12.51
N PHE A 253 18.98 8.48 -12.03
CA PHE A 253 19.02 9.62 -12.93
C PHE A 253 19.77 10.76 -12.24
N PRO A 254 20.29 11.70 -13.03
CA PRO A 254 21.00 12.82 -12.41
C PRO A 254 20.06 13.65 -11.54
N CYS A 255 20.48 13.96 -10.32
CA CYS A 255 19.62 14.72 -9.44
C CYS A 255 19.32 16.12 -9.99
N SER A 256 20.12 16.58 -10.95
CA SER A 256 19.91 17.86 -11.60
C SER A 256 18.78 17.83 -12.65
N ALA A 257 18.23 16.66 -12.94
CA ALA A 257 17.20 16.55 -13.96
C ALA A 257 15.87 17.10 -13.53
N THR A 258 15.08 17.56 -14.51
CA THR A 258 13.66 17.79 -14.32
C THR A 258 12.91 16.63 -14.95
N LEU A 259 12.15 15.88 -14.15
CA LEU A 259 11.51 14.65 -14.64
C LEU A 259 10.22 14.96 -15.38
N PRO A 260 9.95 14.22 -16.46
CA PRO A 260 8.65 14.32 -17.11
C PRO A 260 7.56 13.61 -16.30
N SER A 261 6.32 14.00 -16.54
CA SER A 261 5.19 13.30 -15.96
C SER A 261 5.02 11.92 -16.63
N PHE A 262 4.17 11.10 -16.01
CA PHE A 262 3.80 9.80 -16.55
C PHE A 262 2.30 9.67 -16.40
N THR A 263 1.62 9.34 -17.50
CA THR A 263 0.17 9.19 -17.50
C THR A 263 -0.16 7.71 -17.63
N PHE A 264 -1.13 7.23 -16.86
CA PHE A 264 -1.67 5.88 -17.07
C PHE A 264 -3.17 5.95 -17.33
N GLY A 265 -3.64 5.01 -18.13
CA GLY A 265 -5.04 4.96 -18.51
C GLY A 265 -5.88 4.11 -17.57
N VAL A 266 -7.09 4.59 -17.30
CA VAL A 266 -8.11 3.85 -16.58
C VAL A 266 -9.33 3.94 -17.49
N GLY A 267 -9.64 2.88 -18.22
CA GLY A 267 -10.63 2.97 -19.27
C GLY A 267 -10.25 4.12 -20.20
N SER A 268 -11.22 4.97 -20.52
CA SER A 268 -10.94 6.11 -21.39
C SER A 268 -10.37 7.31 -20.62
N ALA A 269 -10.29 7.18 -19.30
CA ALA A 269 -9.78 8.26 -18.46
C ALA A 269 -8.26 8.17 -18.30
N ARG A 270 -7.67 9.23 -17.77
CA ARG A 270 -6.22 9.35 -17.68
C ARG A 270 -5.85 9.92 -16.31
N ILE A 271 -4.87 9.30 -15.65
CA ILE A 271 -4.32 9.80 -14.40
C ILE A 271 -2.89 10.24 -14.68
N VAL A 272 -2.58 11.49 -14.33
CA VAL A 272 -1.26 12.05 -14.59
C VAL A 272 -0.45 12.09 -13.30
N ILE A 273 0.69 11.42 -13.31
CA ILE A 273 1.64 11.45 -12.22
C ILE A 273 2.66 12.55 -12.53
N PRO A 274 2.68 13.65 -11.76
CA PRO A 274 3.68 14.69 -12.02
C PRO A 274 5.10 14.16 -11.89
N GLY A 275 6.02 14.74 -12.65
CA GLY A 275 7.40 14.32 -12.62
C GLY A 275 8.01 14.30 -11.23
N ASP A 276 7.70 15.28 -10.38
N ASP A 276 7.67 15.29 -10.41
CA ASP A 276 8.36 15.28 -9.08
CA ASP A 276 8.25 15.38 -9.07
C ASP A 276 7.90 14.14 -8.16
C ASP A 276 7.93 14.11 -8.24
N TYR A 277 6.80 13.48 -8.50
CA TYR A 277 6.40 12.29 -7.74
C TYR A 277 7.34 11.11 -7.99
N ILE A 278 8.12 11.19 -9.07
CA ILE A 278 8.95 10.10 -9.54
C ILE A 278 10.41 10.22 -9.01
N ASP A 279 10.68 11.28 -8.25
N ASP A 279 10.67 11.27 -8.24
CA ASP A 279 12.00 11.50 -7.66
CA ASP A 279 11.97 11.52 -7.65
C ASP A 279 12.07 10.93 -6.25
C ASP A 279 12.04 10.90 -6.24
N PHE A 280 12.93 9.91 -6.06
CA PHE A 280 13.16 9.32 -4.74
C PHE A 280 14.52 9.65 -4.14
N GLY A 281 15.13 10.70 -4.68
CA GLY A 281 16.24 11.34 -4.02
C GLY A 281 17.55 10.60 -4.16
N PRO A 282 18.61 11.17 -3.57
CA PRO A 282 19.95 10.59 -3.71
C PRO A 282 20.01 9.13 -3.28
N ILE A 283 20.78 8.34 -4.04
CA ILE A 283 20.89 6.92 -3.74
C ILE A 283 21.59 6.67 -2.40
N SER A 284 22.45 7.61 -2.01
CA SER A 284 23.13 7.62 -0.73
C SER A 284 23.32 9.08 -0.39
N THR A 285 23.50 9.39 0.89
CA THR A 285 23.56 10.77 1.31
C THR A 285 24.66 11.52 0.56
N GLY A 286 24.29 12.65 -0.04
CA GLY A 286 25.23 13.49 -0.73
C GLY A 286 25.51 13.11 -2.18
N SER A 287 24.94 12.00 -2.64
CA SER A 287 25.13 11.59 -4.03
C SER A 287 24.36 12.49 -4.96
N SER A 288 24.89 12.68 -6.17
CA SER A 288 24.12 13.36 -7.23
C SER A 288 23.40 12.39 -8.16
N SER A 289 23.41 11.11 -7.83
CA SER A 289 22.58 10.13 -8.53
CA SER A 289 22.60 10.12 -8.53
C SER A 289 21.33 9.90 -7.70
N CYS A 290 20.17 10.05 -8.35
CA CYS A 290 18.88 9.94 -7.68
C CYS A 290 18.15 8.67 -8.11
N PHE A 291 17.35 8.10 -7.21
CA PHE A 291 16.65 6.87 -7.52
C PHE A 291 15.29 7.13 -8.15
N GLY A 292 14.99 6.43 -9.23
CA GLY A 292 13.73 6.63 -9.92
C GLY A 292 12.52 5.98 -9.28
N GLY A 293 11.37 6.62 -9.45
CA GLY A 293 10.13 6.12 -8.88
C GLY A 293 9.31 5.21 -9.78
N ILE A 294 9.78 5.05 -11.03
CA ILE A 294 9.21 4.09 -11.98
C ILE A 294 10.32 3.09 -12.27
N GLN A 295 10.05 1.82 -12.01
CA GLN A 295 11.04 0.76 -12.12
C GLN A 295 10.43 -0.42 -12.87
N SER A 296 11.29 -1.30 -13.37
CA SER A 296 10.81 -2.47 -14.09
C SER A 296 10.24 -3.53 -13.17
N SER A 297 9.11 -4.11 -13.59
CA SER A 297 8.55 -5.26 -12.89
C SER A 297 9.11 -6.60 -13.37
N ALA A 298 10.05 -6.58 -14.30
N ALA A 298 10.08 -6.58 -14.28
CA ALA A 298 10.61 -7.83 -14.79
CA ALA A 298 10.50 -7.80 -14.96
C ALA A 298 11.30 -8.53 -13.64
C ALA A 298 10.82 -8.96 -14.01
N GLY A 299 10.91 -9.77 -13.40
N GLY A 299 11.44 -8.67 -12.87
CA GLY A 299 11.46 -10.53 -12.29
CA GLY A 299 11.84 -9.72 -11.95
C GLY A 299 10.48 -10.58 -11.14
C GLY A 299 10.85 -10.00 -10.84
N ILE A 300 9.60 -9.59 -11.04
CA ILE A 300 8.57 -9.62 -9.98
C ILE A 300 7.43 -10.56 -10.32
N GLY A 301 7.09 -10.63 -11.60
CA GLY A 301 6.00 -11.49 -12.06
C GLY A 301 4.64 -10.81 -12.09
N ILE A 302 4.57 -9.54 -11.68
CA ILE A 302 3.33 -8.80 -11.72
C ILE A 302 3.68 -7.31 -11.78
N ASN A 303 2.87 -6.52 -12.47
CA ASN A 303 3.03 -5.07 -12.44
C ASN A 303 2.36 -4.53 -11.20
N ILE A 304 2.94 -3.48 -10.62
CA ILE A 304 2.45 -2.95 -9.34
C ILE A 304 2.24 -1.44 -9.43
N PHE A 305 0.99 -1.03 -9.32
CA PHE A 305 0.64 0.39 -9.18
C PHE A 305 0.73 0.71 -7.70
N GLY A 306 1.94 1.05 -7.27
CA GLY A 306 2.21 1.40 -5.89
C GLY A 306 1.94 2.87 -5.62
N ASP A 307 2.47 3.35 -4.51
CA ASP A 307 2.13 4.68 -4.02
C ASP A 307 2.39 5.80 -5.04
N VAL A 308 3.49 5.70 -5.79
CA VAL A 308 3.79 6.70 -6.81
C VAL A 308 2.61 6.94 -7.74
N ALA A 309 1.95 5.87 -8.17
CA ALA A 309 0.77 5.97 -9.01
C ALA A 309 -0.49 6.34 -8.21
N LEU A 310 -0.72 5.64 -7.10
CA LEU A 310 -1.98 5.81 -6.39
C LEU A 310 -2.11 7.22 -5.81
N LYS A 311 -1.00 7.83 -5.40
CA LYS A 311 -1.09 9.15 -4.76
C LYS A 311 -1.46 10.25 -5.74
N ALA A 312 -1.40 9.95 -7.04
CA ALA A 312 -1.88 10.88 -8.06
C ALA A 312 -3.39 10.83 -8.24
N ALA A 313 -4.06 9.94 -7.53
CA ALA A 313 -5.49 9.70 -7.74
C ALA A 313 -6.25 9.60 -6.43
N PHE A 314 -7.56 9.73 -6.53
CA PHE A 314 -8.49 9.29 -5.50
C PHE A 314 -8.93 7.90 -5.94
N VAL A 315 -8.71 6.90 -5.09
CA VAL A 315 -8.89 5.50 -5.48
C VAL A 315 -9.95 4.82 -4.63
N VAL A 316 -10.96 4.28 -5.30
CA VAL A 316 -12.03 3.56 -4.67
C VAL A 316 -11.82 2.05 -4.79
N PHE A 317 -11.76 1.38 -3.66
CA PHE A 317 -11.69 -0.07 -3.58
C PHE A 317 -13.12 -0.54 -3.26
N ASN A 318 -13.83 -0.93 -4.31
CA ASN A 318 -15.24 -1.29 -4.21
C ASN A 318 -15.37 -2.78 -3.95
N GLY A 319 -15.76 -3.11 -2.72
CA GLY A 319 -15.91 -4.49 -2.30
C GLY A 319 -17.32 -5.04 -2.39
N ALA A 320 -18.08 -4.57 -3.37
CA ALA A 320 -19.35 -5.17 -3.74
C ALA A 320 -19.15 -6.64 -4.14
N THR A 321 -20.26 -7.36 -4.30
CA THR A 321 -20.20 -8.79 -4.62
C THR A 321 -19.26 -9.08 -5.78
N THR A 322 -19.31 -8.23 -6.80
CA THR A 322 -18.28 -8.21 -7.85
C THR A 322 -17.41 -6.97 -7.62
N PRO A 323 -16.20 -7.15 -7.08
N PRO A 323 -16.22 -7.13 -7.04
CA PRO A 323 -15.42 -5.95 -6.76
CA PRO A 323 -15.40 -5.96 -6.76
C PRO A 323 -14.94 -5.20 -8.01
C PRO A 323 -14.96 -5.20 -8.02
N THR A 324 -14.76 -3.89 -7.86
CA THR A 324 -14.20 -3.06 -8.92
C THR A 324 -13.28 -2.02 -8.28
N LEU A 325 -12.51 -1.33 -9.11
CA LEU A 325 -11.66 -0.23 -8.67
CA LEU A 325 -11.63 -0.26 -8.69
C LEU A 325 -12.09 1.03 -9.38
N GLY A 326 -12.09 2.14 -8.66
CA GLY A 326 -12.39 3.44 -9.24
C GLY A 326 -11.19 4.38 -9.09
N PHE A 327 -10.94 5.18 -10.12
CA PHE A 327 -9.90 6.21 -10.07
C PHE A 327 -10.47 7.54 -10.52
N ALA A 328 -10.15 8.58 -9.76
CA ALA A 328 -10.43 9.95 -10.15
C ALA A 328 -9.18 10.79 -9.98
N SER A 329 -9.08 11.84 -10.78
N SER A 329 -9.05 11.82 -10.80
CA SER A 329 -8.08 12.88 -10.57
CA SER A 329 -8.08 12.86 -10.56
C SER A 329 -8.45 13.65 -9.32
C SER A 329 -8.47 13.69 -9.33
N LYS A 330 -7.52 14.44 -8.80
CA LYS A 330 -7.78 15.21 -7.58
C LYS A 330 -6.91 16.44 -7.51
C1 GOL B . 6.35 6.09 -25.34
O1 GOL B . 5.94 4.81 -25.81
C2 GOL B . 5.19 6.91 -24.79
O2 GOL B . 3.96 6.30 -25.15
C3 GOL B . 5.18 8.33 -25.35
O3 GOL B . 4.19 9.07 -24.69
C1 GOL C . 6.44 -7.56 -17.01
O1 GOL C . 6.78 -7.75 -18.36
C2 GOL C . 5.65 -8.80 -16.57
O2 GOL C . 6.49 -9.92 -16.65
C3 GOL C . 5.17 -8.60 -15.15
O3 GOL C . 6.28 -8.65 -14.28
C1 GOL D . -3.99 14.85 -9.66
O1 GOL D . -4.86 13.86 -10.18
C2 GOL D . -2.56 14.59 -10.15
O2 GOL D . -2.53 14.67 -11.57
C3 GOL D . -1.60 15.59 -9.50
O3 GOL D . -1.92 16.91 -9.89
C ACT E . 16.65 15.33 -5.50
O ACT E . 17.68 15.50 -4.80
OXT ACT E . 15.75 14.70 -4.91
CH3 ACT E . 16.52 15.82 -6.92
S DMS F . -5.76 -17.10 -3.86
O DMS F . -7.13 -17.34 -4.39
C1 DMS F . -4.56 -17.10 -5.23
C2 DMS F . -5.62 -15.37 -3.35
S DMS G . -8.48 -7.91 -15.42
O DMS G . -9.71 -7.42 -14.71
C1 DMS G . -7.05 -7.86 -14.32
C2 DMS G . -8.62 -9.69 -15.71
S DMS H . -5.74 16.15 5.72
O DMS H . -5.44 17.07 4.57
C1 DMS H . -7.53 16.17 6.04
C2 DMS H . -5.54 14.44 5.18
O3 D9V I . 5.08 -6.17 -1.31
O3 D9V I . 5.19 -6.25 -1.32
C4 D9V I . 4.12 -4.51 2.21
C4 D9V I . 4.15 -4.72 2.32
C5 D9V I . 5.93 -4.94 0.51
C5 D9V I . 5.94 -5.06 0.59
C6 D9V I . 7.13 -4.07 0.99
C6 D9V I . 7.14 -4.25 1.15
N1 D9V I . 7.76 -5.50 -2.90
N1 D9V I . 7.90 -5.37 -2.84
C7 D9V I . 8.20 -4.92 1.63
C7 D9V I . 8.16 -5.15 1.80
C8 D9V I . 8.46 -4.79 -0.64
C8 D9V I . 8.51 -4.92 -0.46
C9 D9V I . 7.43 -5.66 -1.42
C9 D9V I . 7.50 -5.67 -1.39
C10 D9V I . 6.01 -5.13 -1.05
C10 D9V I . 6.07 -5.18 -0.99
C11 D9V I . 7.71 -4.09 -3.39
C11 D9V I . 7.97 -3.89 -3.14
C12 D9V I . 8.47 -3.95 -4.68
C12 D9V I . 8.57 -3.66 -4.50
C13 D9V I . 8.64 -5.30 -5.36
C13 D9V I . 7.82 -4.40 -5.59
C14 D9V I . 7.35 -6.11 -5.27
C14 D9V I . 7.68 -5.87 -5.24
C15 D9V I . 6.97 -6.38 -3.83
C15 D9V I . 7.08 -6.06 -3.87
O1 D9V I . 8.92 -5.47 0.52
O1 D9V I . 8.83 -5.72 0.67
O2 D9V I . 7.83 -3.60 -0.18
O2 D9V I . 7.91 -3.74 0.04
N D9V I . 4.62 -4.27 0.82
N D9V I . 4.65 -4.40 0.95
C2 D9V I . 5.09 -3.99 3.17
C2 D9V I . 5.03 -4.14 3.34
C1 D9V I . 5.90 -4.56 4.07
C1 D9V I . 5.89 -4.65 4.22
O D9V I . 5.25 -2.63 3.19
O D9V I . 5.02 -2.78 3.42
C3 D9V I . 6.20 -2.37 4.15
C3 D9V I . 5.91 -2.46 4.41
C D9V I . 6.62 -3.50 4.71
C D9V I . 6.46 -3.55 4.92
O3 D9V J . 17.10 2.39 -0.08
C4 D9V J . 14.83 5.89 0.78
C5 D9V J . 16.31 4.52 -0.74
C6 D9V J . 16.02 5.40 -2.00
N1 D9V J . 17.80 1.72 -3.09
C7 D9V J . 17.23 6.24 -2.38
C8 D9V J . 17.27 4.16 -3.35
C9 D9V J . 17.66 3.04 -2.33
C10 D9V J . 16.56 3.03 -1.22
C11 D9V J . 16.50 1.13 -3.56
C12 D9V J . 16.74 -0.01 -4.53
C13 D9V J . 17.75 -0.99 -3.98
C14 D9V J . 18.04 -0.70 -2.52
C15 D9V J . 18.59 0.69 -2.33
O1 D9V J . 18.05 5.32 -3.12
O2 D9V J . 15.93 4.54 -3.14
N D9V J . 15.14 4.54 0.19
C2 D9V J . 15.97 6.30 1.60
C1 D9V J . 16.90 7.25 1.47
O D9V J . 16.17 5.61 2.76
C3 D9V J . 17.26 6.17 3.36
C D9V J . 17.74 7.17 2.63
C4 D9V K . 12.25 4.75 -2.53
N D9V K . 13.08 5.20 -1.38
C2 D9V K . 12.12 3.28 -2.53
C1 D9V K . 11.26 2.42 -1.97
O D9V K . 13.01 2.61 -3.31
C3 D9V K . 12.68 1.29 -3.23
C D9V K . 11.63 1.12 -2.44
#